data_1ZK4
#
_entry.id   1ZK4
#
_cell.length_a   55.999
_cell.length_b   79.946
_cell.length_c   114.427
_cell.angle_alpha   90.00
_cell.angle_beta   90.00
_cell.angle_gamma   90.00
#
_symmetry.space_group_name_H-M   'I 2 2 2'
#
loop_
_entity.id
_entity.type
_entity.pdbx_description
1 polymer 'R-specific alcohol dehydrogenase'
2 non-polymer 'MAGNESIUM ION'
3 non-polymer 'NADP NICOTINAMIDE-ADENINE-DINUCLEOTIDE PHOSPHATE'
4 non-polymer 1-PHENYLETHANONE
5 water water
#
_entity_poly.entity_id   1
_entity_poly.type   'polypeptide(L)'
_entity_poly.pdbx_seq_one_letter_code
;SNRLDGKVAIITGGTLGIGLAIATKFVEEGAKVMITGRHSDVGEKAAKSVGTPDQIQFFQHDSSDEDGWTKLFDATEKAF
GPVSTLVNNAGIAVNKSVEETTTAEWRKLLAVNLDGVFFGTRLGIQRMKNKGLGASIINMSSIEGFVGDPSLGAYNASKG
AVRIMSKSAALDCALKDYDVRVNTVHPGYIKTPLVDDLPGAEEAMSQRTKTPMGHIGEPNDIAYICVYLASNESKFATGS
EFVVDGGYTAQ
;
_entity_poly.pdbx_strand_id   A
#
# COMPACT_ATOMS: atom_id res chain seq x y z
N SER A 1 4.45 -20.49 1.17
CA SER A 1 5.83 -20.77 1.67
C SER A 1 6.88 -20.37 0.64
N ASN A 2 7.89 -19.63 1.09
CA ASN A 2 9.05 -19.27 0.31
C ASN A 2 8.83 -18.35 -0.88
N ARG A 3 7.62 -17.82 -1.09
CA ARG A 3 7.34 -17.09 -2.31
C ARG A 3 8.05 -15.75 -2.39
N LEU A 4 8.53 -15.26 -1.24
N LEU A 4 8.55 -15.26 -1.26
CA LEU A 4 9.23 -13.98 -1.15
CA LEU A 4 9.29 -13.99 -1.22
C LEU A 4 10.62 -14.16 -0.52
C LEU A 4 10.71 -14.21 -0.72
N ASP A 5 11.18 -15.35 -0.64
N ASP A 5 11.34 -15.31 -1.13
CA ASP A 5 12.50 -15.60 -0.10
CA ASP A 5 12.69 -15.65 -0.67
C ASP A 5 13.47 -14.54 -0.58
C ASP A 5 13.62 -14.49 -0.91
N GLY A 6 14.26 -14.03 0.35
N GLY A 6 14.31 -14.09 0.16
CA GLY A 6 15.28 -13.05 0.02
CA GLY A 6 15.29 -13.03 0.11
C GLY A 6 14.82 -11.61 -0.08
C GLY A 6 14.82 -11.60 -0.06
N LYS A 7 13.51 -11.35 -0.22
CA LYS A 7 13.01 -10.02 -0.39
C LYS A 7 13.11 -9.23 0.91
N VAL A 8 13.25 -7.92 0.77
CA VAL A 8 13.30 -6.97 1.87
C VAL A 8 12.27 -5.90 1.54
N ALA A 9 11.24 -5.79 2.36
CA ALA A 9 10.11 -4.95 2.06
C ALA A 9 9.90 -3.86 3.09
N ILE A 10 9.55 -2.68 2.61
CA ILE A 10 8.99 -1.59 3.41
C ILE A 10 7.49 -1.55 3.14
N ILE A 11 6.69 -1.49 4.20
CA ILE A 11 5.24 -1.36 4.07
C ILE A 11 4.83 -0.15 4.89
N THR A 12 4.40 0.90 4.22
CA THR A 12 3.94 2.09 4.95
C THR A 12 2.55 1.86 5.49
N GLY A 13 2.26 2.43 6.65
CA GLY A 13 1.00 2.12 7.30
C GLY A 13 0.81 0.65 7.54
N GLY A 14 1.89 -0.01 7.93
CA GLY A 14 1.92 -1.44 8.11
C GLY A 14 1.53 -1.94 9.48
N THR A 15 1.13 -1.04 10.36
CA THR A 15 0.87 -1.40 11.75
C THR A 15 -0.57 -1.78 12.05
N LEU A 16 -1.46 -1.60 11.08
CA LEU A 16 -2.90 -1.78 11.23
C LEU A 16 -3.48 -2.38 9.97
N GLY A 17 -4.58 -3.12 10.11
CA GLY A 17 -5.48 -3.37 9.00
C GLY A 17 -4.81 -4.06 7.82
N ILE A 18 -5.07 -3.52 6.65
CA ILE A 18 -4.53 -4.06 5.41
C ILE A 18 -2.99 -4.15 5.48
N GLY A 19 -2.35 -3.06 5.87
CA GLY A 19 -0.89 -3.04 5.92
C GLY A 19 -0.31 -4.13 6.81
N LEU A 20 -0.94 -4.31 7.98
CA LEU A 20 -0.52 -5.36 8.91
C LEU A 20 -0.66 -6.75 8.31
N ALA A 21 -1.75 -6.99 7.58
CA ALA A 21 -1.93 -8.28 6.94
C ALA A 21 -0.91 -8.51 5.84
N ILE A 22 -0.62 -7.46 5.06
CA ILE A 22 0.42 -7.57 4.05
C ILE A 22 1.74 -7.95 4.74
N ALA A 23 2.07 -7.28 5.84
CA ALA A 23 3.29 -7.57 6.58
C ALA A 23 3.33 -9.00 7.07
N THR A 24 2.20 -9.46 7.59
CA THR A 24 2.11 -10.81 8.15
C THR A 24 2.36 -11.87 7.09
N LYS A 25 1.71 -11.72 5.94
CA LYS A 25 1.89 -12.67 4.87
C LYS A 25 3.26 -12.54 4.24
N PHE A 26 3.82 -11.34 4.18
CA PHE A 26 5.16 -11.18 3.64
C PHE A 26 6.17 -11.94 4.51
N VAL A 27 6.08 -11.78 5.83
CA VAL A 27 6.97 -12.51 6.70
C VAL A 27 6.78 -14.03 6.52
N GLU A 28 5.53 -14.48 6.42
N GLU A 28 5.53 -14.47 6.45
CA GLU A 28 5.27 -15.90 6.25
CA GLU A 28 5.24 -15.89 6.25
C GLU A 28 5.87 -16.47 4.98
C GLU A 28 5.97 -16.41 5.02
N GLU A 29 6.00 -15.63 3.96
CA GLU A 29 6.58 -16.03 2.69
C GLU A 29 8.07 -15.78 2.58
N GLY A 30 8.71 -15.38 3.67
CA GLY A 30 10.15 -15.30 3.72
C GLY A 30 10.76 -13.93 3.57
N ALA A 31 9.95 -12.89 3.40
CA ALA A 31 10.47 -11.54 3.32
C ALA A 31 10.85 -11.02 4.70
N LYS A 32 11.85 -10.13 4.72
CA LYS A 32 12.10 -9.27 5.87
C LYS A 32 11.30 -8.01 5.66
N VAL A 33 10.73 -7.46 6.74
CA VAL A 33 9.76 -6.37 6.62
C VAL A 33 10.05 -5.26 7.61
N MET A 34 10.03 -4.04 7.11
CA MET A 34 9.95 -2.85 7.96
C MET A 34 8.57 -2.24 7.76
N ILE A 35 7.79 -2.20 8.83
CA ILE A 35 6.50 -1.54 8.80
C ILE A 35 6.64 -0.13 9.35
N THR A 36 5.88 0.80 8.80
CA THR A 36 5.82 2.16 9.35
C THR A 36 4.43 2.50 9.86
N GLY A 37 4.40 3.48 10.73
CA GLY A 37 3.18 4.05 11.23
C GLY A 37 3.54 5.27 12.05
N ARG A 38 2.52 6.04 12.40
CA ARG A 38 2.72 7.27 13.13
C ARG A 38 2.99 7.10 14.62
N HIS A 39 2.54 6.00 15.19
CA HIS A 39 2.50 5.86 16.65
C HIS A 39 3.32 4.68 17.12
N SER A 40 4.35 4.98 17.94
CA SER A 40 5.29 3.95 18.41
C SER A 40 4.63 2.90 19.26
N ASP A 41 3.68 3.33 20.07
CA ASP A 41 2.92 2.43 20.90
C ASP A 41 2.32 1.29 20.05
N VAL A 42 1.63 1.69 19.00
CA VAL A 42 0.95 0.74 18.14
C VAL A 42 1.95 -0.08 17.33
N GLY A 43 2.95 0.60 16.81
CA GLY A 43 3.87 0.01 15.85
C GLY A 43 4.77 -1.05 16.43
N GLU A 44 5.31 -0.83 17.63
CA GLU A 44 6.17 -1.85 18.23
C GLU A 44 5.40 -3.10 18.56
N LYS A 45 4.19 -2.92 19.09
CA LYS A 45 3.28 -4.03 19.38
C LYS A 45 3.03 -4.82 18.11
N ALA A 46 2.73 -4.10 17.03
CA ALA A 46 2.37 -4.73 15.78
C ALA A 46 3.52 -5.59 15.25
N ALA A 47 4.72 -5.04 15.22
CA ALA A 47 5.87 -5.79 14.71
C ALA A 47 6.06 -7.08 15.51
N LYS A 48 6.05 -6.98 16.84
CA LYS A 48 6.26 -8.14 17.68
C LYS A 48 5.15 -9.17 17.49
N SER A 49 3.94 -8.73 17.17
CA SER A 49 2.82 -9.65 16.99
C SER A 49 2.98 -10.52 15.74
N VAL A 50 3.79 -10.04 14.79
CA VAL A 50 4.06 -10.78 13.55
C VAL A 50 5.29 -11.69 13.66
N GLY A 51 6.36 -11.20 14.25
CA GLY A 51 7.58 -11.99 14.30
C GLY A 51 8.65 -11.32 15.10
N THR A 52 9.84 -11.90 15.01
CA THR A 52 10.98 -11.40 15.76
C THR A 52 11.70 -10.30 14.99
N PRO A 53 12.59 -9.56 15.61
CA PRO A 53 13.26 -8.45 14.91
C PRO A 53 14.11 -8.83 13.72
N ASP A 54 14.55 -10.09 13.65
CA ASP A 54 15.23 -10.59 12.48
C ASP A 54 14.31 -10.77 11.27
N GLN A 55 13.00 -10.77 11.51
CA GLN A 55 11.98 -10.86 10.46
C GLN A 55 11.27 -9.54 10.16
N ILE A 56 10.96 -8.79 11.19
CA ILE A 56 10.13 -7.60 11.04
C ILE A 56 10.46 -6.61 12.16
N GLN A 57 10.57 -5.35 11.75
CA GLN A 57 10.73 -4.23 12.66
C GLN A 57 9.79 -3.09 12.28
N PHE A 58 9.69 -2.14 13.20
CA PHE A 58 8.88 -0.95 13.06
C PHE A 58 9.77 0.27 12.94
N PHE A 59 9.35 1.21 12.09
CA PHE A 59 9.97 2.52 11.96
C PHE A 59 8.88 3.60 11.98
N GLN A 60 8.95 4.48 12.95
CA GLN A 60 7.95 5.53 13.09
C GLN A 60 8.14 6.58 12.00
N HIS A 61 7.09 6.83 11.22
CA HIS A 61 7.18 7.72 10.08
C HIS A 61 5.80 8.05 9.60
N ASP A 62 5.63 9.31 9.26
CA ASP A 62 4.50 9.84 8.54
C ASP A 62 4.91 9.88 7.08
N SER A 63 4.17 9.23 6.18
N SER A 63 4.14 9.23 6.20
CA SER A 63 4.60 9.13 4.79
CA SER A 63 4.51 9.12 4.79
C SER A 63 4.65 10.48 4.06
C SER A 63 4.64 10.47 4.08
N SER A 64 4.03 11.52 4.61
CA SER A 64 4.15 12.85 4.05
C SER A 64 5.52 13.51 4.33
N ASP A 65 6.33 12.90 5.19
CA ASP A 65 7.60 13.45 5.68
C ASP A 65 8.70 13.01 4.73
N GLU A 66 9.04 13.91 3.82
CA GLU A 66 10.00 13.65 2.77
C GLU A 66 11.37 13.24 3.32
N ASP A 67 11.90 14.00 4.29
CA ASP A 67 13.19 13.68 4.86
C ASP A 67 13.18 12.32 5.56
N GLY A 68 12.07 11.98 6.19
CA GLY A 68 11.94 10.71 6.88
C GLY A 68 12.03 9.51 5.97
N TRP A 69 11.64 9.67 4.71
CA TRP A 69 11.78 8.58 3.75
C TRP A 69 13.22 8.09 3.57
N THR A 70 14.16 9.02 3.56
CA THR A 70 15.57 8.69 3.45
C THR A 70 16.00 7.88 4.67
N LYS A 71 15.59 8.33 5.86
CA LYS A 71 15.91 7.65 7.10
C LYS A 71 15.29 6.26 7.14
N LEU A 72 14.09 6.11 6.59
CA LEU A 72 13.40 4.84 6.57
C LEU A 72 14.14 3.83 5.70
N PHE A 73 14.52 4.24 4.49
CA PHE A 73 15.27 3.34 3.62
C PHE A 73 16.62 2.97 4.27
N ASP A 74 17.29 3.93 4.89
CA ASP A 74 18.58 3.64 5.53
C ASP A 74 18.39 2.67 6.68
N ALA A 75 17.36 2.85 7.49
CA ALA A 75 17.14 1.96 8.63
C ALA A 75 16.80 0.55 8.19
N THR A 76 16.03 0.45 7.11
N THR A 76 16.04 0.44 7.11
CA THR A 76 15.65 -0.86 6.60
CA THR A 76 15.66 -0.87 6.58
C THR A 76 16.85 -1.60 6.05
C THR A 76 16.88 -1.58 6.01
N GLU A 77 17.67 -0.91 5.26
N GLU A 77 17.72 -0.83 5.31
CA GLU A 77 18.87 -1.53 4.74
CA GLU A 77 18.94 -1.37 4.73
C GLU A 77 19.82 -1.92 5.87
C GLU A 77 19.92 -1.83 5.80
N LYS A 78 19.99 -1.08 6.89
N LYS A 78 19.97 -1.09 6.90
CA LYS A 78 20.84 -1.42 8.02
CA LYS A 78 20.84 -1.43 8.02
C LYS A 78 20.38 -2.72 8.68
N ALA A 79 19.07 -2.88 8.85
CA ALA A 79 18.50 -4.04 9.51
C ALA A 79 18.59 -5.30 8.65
N PHE A 80 18.27 -5.17 7.36
CA PHE A 80 17.94 -6.33 6.54
C PHE A 80 18.69 -6.45 5.23
N GLY A 81 19.49 -5.44 4.87
CA GLY A 81 20.12 -5.38 3.57
C GLY A 81 19.26 -4.60 2.58
N PRO A 82 19.74 -4.46 1.36
CA PRO A 82 19.07 -3.61 0.37
C PRO A 82 17.60 -3.91 0.16
N VAL A 83 16.82 -2.85 0.11
CA VAL A 83 15.37 -2.96 -0.03
C VAL A 83 15.04 -3.40 -1.45
N SER A 84 14.17 -4.40 -1.58
CA SER A 84 13.69 -4.87 -2.87
C SER A 84 12.24 -4.50 -3.19
N THR A 85 11.48 -4.17 -2.15
CA THR A 85 10.02 -4.14 -2.29
C THR A 85 9.47 -3.01 -1.45
N LEU A 86 8.60 -2.20 -2.03
CA LEU A 86 7.97 -1.10 -1.32
C LEU A 86 6.46 -1.20 -1.54
N VAL A 87 5.71 -1.16 -0.45
CA VAL A 87 4.26 -1.09 -0.50
C VAL A 87 3.85 0.25 0.09
N ASN A 88 3.41 1.15 -0.78
CA ASN A 88 2.92 2.46 -0.38
C ASN A 88 1.46 2.31 -0.01
N ASN A 89 1.21 2.01 1.26
CA ASN A 89 -0.10 1.70 1.77
C ASN A 89 -0.68 2.77 2.69
N ALA A 90 0.14 3.61 3.29
CA ALA A 90 -0.36 4.65 4.20
C ALA A 90 -1.30 5.58 3.47
N GLY A 91 -2.41 5.91 4.11
CA GLY A 91 -3.37 6.82 3.52
C GLY A 91 -4.39 7.25 4.52
N ILE A 92 -5.03 8.37 4.24
CA ILE A 92 -6.10 8.89 5.07
C ILE A 92 -7.26 9.27 4.17
N ALA A 93 -8.41 9.47 4.80
CA ALA A 93 -9.60 9.88 4.10
C ALA A 93 -10.23 11.06 4.81
N VAL A 94 -10.83 11.91 4.00
CA VAL A 94 -11.66 13.02 4.43
C VAL A 94 -13.06 12.74 3.88
C VAL A 94 -13.09 12.74 3.93
N ASN A 95 -14.06 12.83 4.74
N ASN A 95 -14.06 12.77 4.84
CA ASN A 95 -15.42 12.51 4.32
CA ASN A 95 -15.46 12.61 4.50
C ASN A 95 -16.17 13.76 3.96
C ASN A 95 -16.03 13.95 4.09
N LYS A 96 -15.73 14.34 2.83
N LYS A 96 -15.75 14.33 2.84
CA LYS A 96 -16.27 15.56 2.30
CA LYS A 96 -16.28 15.57 2.29
C LYS A 96 -16.40 15.46 0.80
N SER A 97 -17.44 16.05 0.26
CA SER A 97 -17.55 16.28 -1.17
C SER A 97 -16.48 17.29 -1.61
N VAL A 98 -16.19 17.34 -2.90
CA VAL A 98 -15.32 18.37 -3.42
C VAL A 98 -15.79 19.77 -2.97
N GLU A 99 -17.09 20.02 -3.12
CA GLU A 99 -17.69 21.30 -2.76
C GLU A 99 -17.37 21.71 -1.34
N GLU A 100 -17.40 20.75 -0.42
CA GLU A 100 -17.28 21.04 1.00
C GLU A 100 -15.89 20.77 1.57
N THR A 101 -14.91 20.49 0.72
CA THR A 101 -13.56 20.23 1.19
C THR A 101 -12.86 21.55 1.47
N THR A 102 -12.34 21.72 2.68
CA THR A 102 -11.54 22.91 2.96
C THR A 102 -10.17 22.75 2.33
N THR A 103 -9.49 23.86 2.08
CA THR A 103 -8.15 23.79 1.54
C THR A 103 -7.18 23.07 2.48
N ALA A 104 -7.33 23.26 3.79
CA ALA A 104 -6.50 22.54 4.74
C ALA A 104 -6.71 21.03 4.61
N GLU A 105 -7.97 20.60 4.49
CA GLU A 105 -8.27 19.18 4.33
C GLU A 105 -7.66 18.61 3.06
N TRP A 106 -7.81 19.37 1.98
CA TRP A 106 -7.24 19.02 0.69
C TRP A 106 -5.73 18.82 0.81
N ARG A 107 -5.06 19.80 1.38
CA ARG A 107 -3.60 19.72 1.48
C ARG A 107 -3.15 18.58 2.40
N LYS A 108 -3.87 18.36 3.49
CA LYS A 108 -3.50 17.31 4.43
C LYS A 108 -3.60 15.93 3.77
N LEU A 109 -4.72 15.70 3.10
CA LEU A 109 -4.92 14.40 2.47
C LEU A 109 -3.92 14.19 1.34
N LEU A 110 -3.72 15.21 0.51
CA LEU A 110 -2.78 15.04 -0.59
C LEU A 110 -1.37 14.81 -0.08
N ALA A 111 -1.00 15.43 1.05
CA ALA A 111 0.34 15.25 1.58
C ALA A 111 0.64 13.78 1.88
N VAL A 112 -0.34 13.07 2.44
CA VAL A 112 -0.13 11.64 2.76
C VAL A 112 -0.35 10.78 1.50
N ASN A 113 -1.49 10.95 0.87
CA ASN A 113 -1.96 9.99 -0.13
C ASN A 113 -1.31 10.18 -1.48
N LEU A 114 -0.85 11.39 -1.77
CA LEU A 114 -0.26 11.66 -3.07
C LEU A 114 1.23 11.99 -2.92
N ASP A 115 1.58 13.03 -2.18
CA ASP A 115 2.98 13.35 -2.00
C ASP A 115 3.72 12.16 -1.39
N GLY A 116 3.12 11.50 -0.41
CA GLY A 116 3.81 10.40 0.26
C GLY A 116 4.12 9.27 -0.69
N VAL A 117 3.16 8.95 -1.56
CA VAL A 117 3.33 7.91 -2.54
C VAL A 117 4.38 8.31 -3.59
N PHE A 118 4.36 9.57 -4.00
CA PHE A 118 5.39 10.11 -4.87
C PHE A 118 6.79 9.99 -4.22
N PHE A 119 6.92 10.46 -2.99
CA PHE A 119 8.21 10.39 -2.31
C PHE A 119 8.72 8.95 -2.23
N GLY A 120 7.82 8.03 -1.90
CA GLY A 120 8.23 6.64 -1.75
C GLY A 120 8.59 6.03 -3.09
N THR A 121 7.77 6.28 -4.11
CA THR A 121 8.03 5.74 -5.42
C THR A 121 9.34 6.28 -6.00
N ARG A 122 9.51 7.59 -5.93
CA ARG A 122 10.72 8.22 -6.44
C ARG A 122 11.97 7.67 -5.78
N LEU A 123 11.96 7.63 -4.46
CA LEU A 123 13.12 7.12 -3.73
C LEU A 123 13.31 5.64 -3.96
N GLY A 124 12.23 4.88 -4.01
CA GLY A 124 12.30 3.46 -4.27
C GLY A 124 12.96 3.16 -5.60
N ILE A 125 12.57 3.87 -6.64
CA ILE A 125 13.20 3.64 -7.91
C ILE A 125 14.71 3.88 -7.80
N GLN A 126 15.08 5.01 -7.20
CA GLN A 126 16.48 5.37 -7.13
C GLN A 126 17.29 4.33 -6.36
N ARG A 127 16.75 3.84 -5.25
CA ARG A 127 17.47 2.94 -4.36
C ARG A 127 17.42 1.46 -4.76
C ARG A 127 17.45 1.45 -4.77
N MET A 128 16.41 1.11 -5.55
N MET A 128 16.44 1.06 -5.55
CA MET A 128 16.16 -0.30 -5.85
CA MET A 128 16.27 -0.36 -5.84
C MET A 128 16.57 -0.68 -7.26
C MET A 128 16.59 -0.73 -7.29
N LYS A 129 16.75 0.29 -8.13
N LYS A 129 16.77 0.27 -8.15
CA LYS A 129 17.08 -0.01 -9.54
CA LYS A 129 17.08 -0.01 -9.54
C LYS A 129 18.46 -0.64 -9.70
N ASN A 130 18.59 -1.47 -10.74
CA ASN A 130 19.88 -1.93 -11.23
C ASN A 130 20.66 -2.77 -10.23
N LYS A 131 19.96 -3.49 -9.36
CA LYS A 131 20.59 -4.31 -8.34
C LYS A 131 20.24 -5.79 -8.44
N GLY A 132 19.51 -6.19 -9.47
CA GLY A 132 19.15 -7.58 -9.65
C GLY A 132 18.23 -8.11 -8.56
N LEU A 133 17.48 -7.20 -7.90
CA LEU A 133 16.65 -7.57 -6.76
C LEU A 133 15.29 -8.12 -7.13
N GLY A 134 14.89 -7.99 -8.39
CA GLY A 134 13.50 -8.22 -8.77
C GLY A 134 12.60 -7.26 -8.01
N ALA A 135 12.94 -5.98 -8.11
CA ALA A 135 12.30 -4.99 -7.27
C ALA A 135 10.87 -4.69 -7.72
N SER A 136 10.04 -4.37 -6.74
CA SER A 136 8.60 -4.18 -7.00
C SER A 136 8.07 -3.11 -6.07
N ILE A 137 7.39 -2.13 -6.66
CA ILE A 137 6.71 -1.07 -5.92
C ILE A 137 5.22 -1.29 -6.13
N ILE A 138 4.48 -1.37 -5.03
N ILE A 138 4.49 -1.44 -5.02
CA ILE A 138 3.08 -1.68 -5.03
CA ILE A 138 3.07 -1.71 -5.01
C ILE A 138 2.40 -0.48 -4.38
C ILE A 138 2.44 -0.47 -4.40
N ASN A 139 1.60 0.20 -5.15
N ASN A 139 1.81 0.34 -5.22
CA ASN A 139 0.93 1.43 -4.69
CA ASN A 139 1.13 1.54 -4.75
C ASN A 139 -0.54 1.18 -4.48
C ASN A 139 -0.34 1.23 -4.45
N MET A 140 -1.03 1.51 -3.31
N MET A 140 -0.71 1.30 -3.19
CA MET A 140 -2.42 1.29 -2.94
CA MET A 140 -2.09 1.02 -2.81
C MET A 140 -3.25 2.42 -3.51
C MET A 140 -2.95 2.15 -3.31
N SER A 141 -4.09 2.09 -4.49
N SER A 141 -4.01 1.80 -4.02
CA SER A 141 -4.82 3.07 -5.26
CA SER A 141 -4.96 2.77 -4.54
C SER A 141 -6.37 3.01 -5.34
C SER A 141 -6.28 2.28 -3.99
N SER A 142 -6.98 2.04 -4.63
N SER A 142 -7.34 2.30 -4.78
CA SER A 142 -8.41 2.03 -4.26
CA SER A 142 -8.65 1.98 -4.22
C SER A 142 -9.40 1.80 -5.40
C SER A 142 -9.61 1.76 -5.35
N ILE A 143 -10.58 1.24 -5.12
N ILE A 143 -10.77 1.18 -5.07
CA ILE A 143 -11.68 1.37 -6.07
CA ILE A 143 -11.89 1.35 -5.98
C ILE A 143 -12.01 2.83 -6.36
C ILE A 143 -12.07 2.82 -6.34
N GLU A 144 -11.72 3.71 -5.41
CA GLU A 144 -11.88 5.16 -5.58
C GLU A 144 -10.84 5.79 -6.50
N GLY A 145 -9.96 4.97 -7.08
CA GLY A 145 -9.15 5.38 -8.22
C GLY A 145 -9.79 5.07 -9.57
N PHE A 146 -10.91 4.36 -9.56
CA PHE A 146 -11.68 4.02 -10.76
C PHE A 146 -13.02 4.74 -10.85
N VAL A 147 -13.72 4.83 -9.73
CA VAL A 147 -15.03 5.44 -9.68
C VAL A 147 -14.99 6.57 -8.67
N GLY A 148 -15.87 7.54 -8.87
CA GLY A 148 -16.03 8.58 -7.89
C GLY A 148 -16.94 8.18 -6.75
N ASP A 149 -16.82 8.92 -5.66
CA ASP A 149 -17.77 8.84 -4.55
C ASP A 149 -18.07 10.29 -4.18
N PRO A 150 -19.35 10.65 -4.07
CA PRO A 150 -19.71 12.05 -3.86
C PRO A 150 -19.14 12.66 -2.57
N SER A 151 -18.81 11.82 -1.60
CA SER A 151 -18.32 12.30 -0.31
C SER A 151 -16.85 11.96 -0.07
N LEU A 152 -16.10 11.70 -1.13
CA LEU A 152 -14.67 11.40 -1.01
C LEU A 152 -13.87 12.18 -2.04
N GLY A 153 -14.17 13.45 -2.23
CA GLY A 153 -13.58 14.21 -3.34
C GLY A 153 -12.06 14.21 -3.38
N ALA A 154 -11.43 14.63 -2.28
CA ALA A 154 -9.98 14.69 -2.21
C ALA A 154 -9.37 13.28 -2.30
N TYR A 155 -10.00 12.32 -1.65
CA TYR A 155 -9.55 10.95 -1.70
C TYR A 155 -9.54 10.43 -3.14
N ASN A 156 -10.63 10.69 -3.87
CA ASN A 156 -10.73 10.31 -5.29
C ASN A 156 -9.58 10.96 -6.07
N ALA A 157 -9.33 12.26 -5.87
CA ALA A 157 -8.23 12.92 -6.55
C ALA A 157 -6.93 12.16 -6.29
N SER A 158 -6.66 11.86 -5.02
CA SER A 158 -5.40 11.24 -4.68
C SER A 158 -5.26 9.85 -5.31
N LYS A 159 -6.36 9.11 -5.36
CA LYS A 159 -6.29 7.73 -5.84
C LYS A 159 -6.20 7.68 -7.36
N GLY A 160 -6.87 8.59 -8.05
CA GLY A 160 -6.69 8.70 -9.48
C GLY A 160 -5.27 9.11 -9.84
N ALA A 161 -4.69 10.02 -9.04
CA ALA A 161 -3.32 10.43 -9.25
C ALA A 161 -2.36 9.25 -9.11
N VAL A 162 -2.50 8.47 -8.04
CA VAL A 162 -1.63 7.34 -7.81
C VAL A 162 -1.76 6.34 -8.94
N ARG A 163 -2.98 6.11 -9.42
CA ARG A 163 -3.22 5.17 -10.48
C ARG A 163 -2.37 5.48 -11.69
N ILE A 164 -2.42 6.72 -12.17
CA ILE A 164 -1.75 7.04 -13.44
C ILE A 164 -0.28 7.39 -13.23
C ILE A 164 -0.27 7.39 -13.24
N MET A 165 0.09 8.02 -12.11
N MET A 165 0.09 8.03 -12.14
CA MET A 165 1.50 8.25 -11.83
CA MET A 165 1.49 8.24 -11.82
C MET A 165 2.26 6.92 -11.77
C MET A 165 2.25 6.91 -11.82
N SER A 166 1.61 5.88 -11.26
N SER A 166 1.62 5.88 -11.27
CA SER A 166 2.26 4.59 -11.16
CA SER A 166 2.25 4.58 -11.17
C SER A 166 2.54 4.02 -12.55
N LYS A 167 1.67 4.26 -13.52
CA LYS A 167 1.93 3.83 -14.89
C LYS A 167 3.15 4.54 -15.46
N SER A 168 3.26 5.85 -15.23
CA SER A 168 4.44 6.58 -15.66
C SER A 168 5.71 5.96 -15.15
N ALA A 169 5.76 5.72 -13.85
CA ALA A 169 6.91 5.13 -13.21
C ALA A 169 7.20 3.74 -13.76
N ALA A 170 6.15 2.94 -13.92
CA ALA A 170 6.30 1.62 -14.49
C ALA A 170 6.99 1.68 -15.85
N LEU A 171 6.51 2.57 -16.69
CA LEU A 171 7.03 2.68 -18.04
C LEU A 171 8.49 3.11 -18.03
N ASP A 172 8.83 4.13 -17.27
CA ASP A 172 10.21 4.60 -17.26
C ASP A 172 11.14 3.50 -16.78
N CYS A 173 10.75 2.80 -15.72
CA CYS A 173 11.55 1.70 -15.20
C CYS A 173 11.72 0.59 -16.21
N ALA A 174 10.66 0.25 -16.93
CA ALA A 174 10.71 -0.77 -17.94
C ALA A 174 11.63 -0.38 -19.09
N LEU A 175 11.42 0.82 -19.61
CA LEU A 175 12.17 1.33 -20.75
C LEU A 175 13.66 1.44 -20.46
N LYS A 176 14.00 1.71 -19.21
CA LYS A 176 15.39 1.91 -18.80
C LYS A 176 16.01 0.65 -18.21
N ASP A 177 15.29 -0.47 -18.25
CA ASP A 177 15.79 -1.75 -17.76
C ASP A 177 16.27 -1.66 -16.31
N TYR A 178 15.49 -0.99 -15.48
CA TYR A 178 15.85 -0.77 -14.09
C TYR A 178 15.64 -1.97 -13.17
N ASP A 179 14.93 -3.00 -13.63
CA ASP A 179 14.57 -4.13 -12.76
C ASP A 179 13.71 -3.65 -11.58
N VAL A 180 12.78 -2.73 -11.88
CA VAL A 180 11.78 -2.28 -10.93
C VAL A 180 10.44 -2.30 -11.65
N ARG A 181 9.47 -2.99 -11.07
CA ARG A 181 8.08 -2.97 -11.54
C ARG A 181 7.26 -2.07 -10.64
N VAL A 182 6.22 -1.44 -11.19
CA VAL A 182 5.33 -0.60 -10.40
C VAL A 182 3.92 -0.98 -10.80
N ASN A 183 3.07 -1.31 -9.83
CA ASN A 183 1.69 -1.68 -10.07
C ASN A 183 0.83 -1.09 -8.97
N THR A 184 -0.48 -1.03 -9.21
CA THR A 184 -1.40 -0.54 -8.22
C THR A 184 -2.38 -1.63 -7.81
N VAL A 185 -2.77 -1.58 -6.55
CA VAL A 185 -3.79 -2.49 -5.97
C VAL A 185 -4.97 -1.63 -5.55
N HIS A 186 -6.16 -2.13 -5.85
CA HIS A 186 -7.39 -1.34 -5.67
C HIS A 186 -8.38 -2.14 -4.83
N PRO A 187 -8.25 -2.06 -3.49
CA PRO A 187 -9.23 -2.74 -2.64
C PRO A 187 -10.60 -2.09 -2.75
N GLY A 188 -11.62 -2.94 -2.69
CA GLY A 188 -12.94 -2.52 -2.29
C GLY A 188 -13.00 -2.38 -0.78
C GLY A 188 -13.02 -2.38 -0.78
N TYR A 189 -14.20 -2.45 -0.22
N TYR A 189 -14.22 -2.53 -0.23
CA TYR A 189 -14.35 -2.26 1.21
CA TYR A 189 -14.38 -2.39 1.20
C TYR A 189 -13.85 -3.50 1.95
C TYR A 189 -13.79 -3.59 1.91
N ILE A 190 -13.05 -3.27 2.98
N ILE A 190 -13.06 -3.32 2.98
CA ILE A 190 -12.39 -4.33 3.75
CA ILE A 190 -12.38 -4.34 3.76
C ILE A 190 -12.71 -4.13 5.24
N LYS A 191 -13.09 -5.20 5.91
CA LYS A 191 -13.39 -5.18 7.33
C LYS A 191 -12.09 -5.08 8.12
N THR A 192 -12.01 -4.05 8.96
CA THR A 192 -10.91 -3.86 9.91
C THR A 192 -11.50 -3.39 11.21
N PRO A 193 -10.72 -3.42 12.29
CA PRO A 193 -11.16 -2.82 13.55
C PRO A 193 -11.67 -1.39 13.40
N LEU A 194 -11.09 -0.59 12.52
CA LEU A 194 -11.59 0.78 12.31
C LEU A 194 -12.98 0.81 11.70
N VAL A 195 -13.26 -0.08 10.75
CA VAL A 195 -14.61 -0.21 10.20
C VAL A 195 -15.59 -0.67 11.29
N ASP A 196 -15.16 -1.61 12.11
CA ASP A 196 -15.98 -2.12 13.21
C ASP A 196 -16.38 -1.01 14.19
N ASP A 197 -15.52 0.01 14.31
CA ASP A 197 -15.77 1.14 15.22
C ASP A 197 -16.74 2.18 14.66
N LEU A 198 -17.17 2.02 13.41
CA LEU A 198 -18.16 2.93 12.82
C LEU A 198 -19.48 2.19 12.66
N PRO A 199 -20.43 2.41 13.58
CA PRO A 199 -21.70 1.69 13.54
C PRO A 199 -22.41 1.79 12.19
N GLY A 200 -22.82 0.66 11.65
CA GLY A 200 -23.57 0.62 10.40
C GLY A 200 -22.73 0.64 9.14
N ALA A 201 -21.42 0.88 9.25
CA ALA A 201 -20.59 1.05 8.05
C ALA A 201 -20.50 -0.24 7.25
N GLU A 202 -20.18 -1.34 7.90
CA GLU A 202 -20.08 -2.61 7.23
C GLU A 202 -21.40 -2.98 6.56
N GLU A 203 -22.50 -2.81 7.27
CA GLU A 203 -23.80 -3.13 6.71
C GLU A 203 -24.09 -2.32 5.46
N ALA A 204 -23.78 -1.04 5.49
CA ALA A 204 -24.04 -0.20 4.33
C ALA A 204 -23.10 -0.63 3.18
C ALA A 204 -23.29 -0.64 3.08
N MET A 205 -21.86 -0.98 3.51
N MET A 205 -22.02 -0.99 3.24
CA MET A 205 -20.87 -1.40 2.52
CA MET A 205 -21.23 -1.33 2.07
C MET A 205 -21.28 -2.72 1.85
C MET A 205 -21.41 -2.79 1.67
N SER A 206 -22.06 -3.52 2.58
N SER A 206 -22.11 -3.54 2.51
CA SER A 206 -22.44 -4.88 2.20
CA SER A 206 -22.45 -4.91 2.19
C SER A 206 -23.76 -4.97 1.42
N GLN A 207 -24.47 -3.84 1.28
CA GLN A 207 -25.68 -3.85 0.47
C GLN A 207 -25.28 -4.19 -0.97
N ARG A 208 -26.15 -4.91 -1.66
CA ARG A 208 -25.82 -5.43 -2.99
C ARG A 208 -25.57 -4.32 -4.00
N THR A 209 -26.19 -3.16 -3.80
CA THR A 209 -25.99 -1.99 -4.64
C THR A 209 -24.60 -1.38 -4.47
N LYS A 210 -23.89 -1.79 -3.42
CA LYS A 210 -22.51 -1.38 -3.19
C LYS A 210 -21.58 -2.54 -3.51
N THR A 211 -21.55 -3.58 -2.68
CA THR A 211 -20.72 -4.75 -2.92
C THR A 211 -21.60 -5.94 -3.32
N PRO A 212 -21.56 -6.35 -4.59
CA PRO A 212 -22.44 -7.44 -5.04
C PRO A 212 -22.33 -8.73 -4.27
N MET A 213 -21.16 -9.04 -3.71
CA MET A 213 -21.03 -10.25 -2.91
C MET A 213 -21.85 -10.20 -1.62
N GLY A 214 -22.34 -9.03 -1.21
CA GLY A 214 -23.21 -8.94 -0.05
C GLY A 214 -22.49 -8.97 1.29
N HIS A 215 -21.19 -8.78 1.23
CA HIS A 215 -20.34 -8.70 2.41
C HIS A 215 -19.08 -8.00 1.95
N ILE A 216 -18.27 -7.56 2.90
CA ILE A 216 -17.03 -6.90 2.57
C ILE A 216 -15.86 -7.86 2.78
N GLY A 217 -14.68 -7.41 2.40
CA GLY A 217 -13.51 -8.27 2.40
C GLY A 217 -12.85 -8.27 3.75
C GLY A 217 -12.80 -8.32 3.74
N GLU A 218 -11.65 -8.81 3.78
N GLU A 218 -11.68 -9.02 3.77
CA GLU A 218 -10.87 -8.87 5.00
CA GLU A 218 -10.82 -9.04 4.95
C GLU A 218 -9.42 -8.62 4.60
C GLU A 218 -9.41 -8.62 4.57
N PRO A 219 -8.60 -8.18 5.55
N PRO A 219 -8.60 -8.18 5.55
CA PRO A 219 -7.25 -7.72 5.21
C PRO A 219 -6.42 -8.72 4.40
N ASN A 220 -6.52 -10.01 4.68
CA ASN A 220 -5.75 -10.98 3.92
C ASN A 220 -6.10 -10.99 2.44
N ASP A 221 -7.31 -10.58 2.06
CA ASP A 221 -7.63 -10.48 0.65
C ASP A 221 -6.64 -9.55 -0.06
N ILE A 222 -6.25 -8.48 0.58
CA ILE A 222 -5.30 -7.57 -0.03
C ILE A 222 -3.87 -8.09 0.14
N ALA A 223 -3.57 -8.74 1.26
CA ALA A 223 -2.26 -9.31 1.45
C ALA A 223 -1.89 -10.28 0.33
N TYR A 224 -2.81 -11.15 -0.08
CA TYR A 224 -2.42 -12.17 -1.04
C TYR A 224 -2.11 -11.59 -2.42
N ILE A 225 -2.84 -10.59 -2.89
CA ILE A 225 -2.47 -10.00 -4.18
C ILE A 225 -1.13 -9.27 -4.06
N CYS A 226 -0.84 -8.70 -2.90
CA CYS A 226 0.46 -8.07 -2.71
C CYS A 226 1.59 -9.08 -2.70
N VAL A 227 1.38 -10.28 -2.15
CA VAL A 227 2.42 -11.31 -2.22
C VAL A 227 2.74 -11.61 -3.68
N TYR A 228 1.71 -11.80 -4.49
CA TYR A 228 1.91 -12.06 -5.90
C TYR A 228 2.74 -10.95 -6.55
N LEU A 229 2.36 -9.69 -6.32
CA LEU A 229 3.02 -8.56 -6.96
C LEU A 229 4.44 -8.33 -6.45
N ALA A 230 4.72 -8.68 -5.20
CA ALA A 230 6.07 -8.55 -4.66
C ALA A 230 6.98 -9.66 -5.16
C ALA A 230 6.97 -9.68 -5.16
N SER A 231 6.39 -10.79 -5.51
N SER A 231 6.36 -10.82 -5.45
CA SER A 231 7.18 -11.95 -5.84
CA SER A 231 7.08 -12.02 -5.83
C SER A 231 7.63 -11.88 -7.29
C SER A 231 7.54 -11.95 -7.28
N ASN A 232 8.58 -12.74 -7.61
N ASN A 232 8.56 -12.74 -7.60
CA ASN A 232 9.05 -12.86 -8.97
C ASN A 232 8.04 -13.58 -9.87
N GLU A 233 6.97 -14.12 -9.31
CA GLU A 233 5.89 -14.69 -10.09
C GLU A 233 5.28 -13.68 -11.02
N SER A 234 5.34 -12.39 -10.66
CA SER A 234 4.70 -11.32 -11.42
C SER A 234 5.72 -10.47 -12.20
N LYS A 235 6.84 -11.10 -12.59
CA LYS A 235 7.92 -10.41 -13.26
C LYS A 235 7.56 -9.78 -14.62
N PHE A 236 6.44 -10.16 -15.24
CA PHE A 236 5.99 -9.52 -16.47
C PHE A 236 4.84 -8.54 -16.25
N ALA A 237 4.42 -8.34 -15.00
CA ALA A 237 3.33 -7.40 -14.68
C ALA A 237 3.93 -6.07 -14.26
N THR A 238 3.65 -5.05 -15.03
CA THR A 238 4.05 -3.70 -14.64
C THR A 238 3.08 -2.71 -15.29
N GLY A 239 2.79 -1.65 -14.57
CA GLY A 239 1.90 -0.64 -15.07
C GLY A 239 0.43 -0.98 -15.03
N SER A 240 0.07 -1.98 -14.24
CA SER A 240 -1.27 -2.50 -14.19
C SER A 240 -1.95 -2.31 -12.86
N GLU A 241 -3.27 -2.43 -12.90
CA GLU A 241 -4.17 -2.22 -11.79
C GLU A 241 -4.80 -3.56 -11.40
N PHE A 242 -4.71 -3.90 -10.13
CA PHE A 242 -5.21 -5.17 -9.60
C PHE A 242 -6.31 -4.89 -8.62
N VAL A 243 -7.54 -5.22 -8.98
CA VAL A 243 -8.74 -4.86 -8.23
C VAL A 243 -9.27 -6.07 -7.47
N VAL A 244 -9.53 -5.87 -6.18
CA VAL A 244 -10.03 -6.93 -5.30
C VAL A 244 -11.17 -6.29 -4.49
N ASP A 245 -12.39 -6.40 -5.01
CA ASP A 245 -13.47 -5.51 -4.56
C ASP A 245 -14.83 -6.13 -4.39
N GLY A 246 -14.97 -7.45 -4.46
CA GLY A 246 -16.25 -8.05 -4.26
C GLY A 246 -17.29 -7.75 -5.34
N GLY A 247 -16.82 -7.24 -6.48
CA GLY A 247 -17.67 -6.87 -7.59
C GLY A 247 -18.07 -5.43 -7.65
N TYR A 248 -17.58 -4.59 -6.73
CA TYR A 248 -18.04 -3.21 -6.60
C TYR A 248 -17.99 -2.47 -7.94
N THR A 249 -16.86 -2.56 -8.63
CA THR A 249 -16.65 -1.80 -9.86
C THR A 249 -17.17 -2.49 -11.11
N ALA A 250 -17.57 -3.75 -11.00
CA ALA A 250 -18.09 -4.51 -12.14
C ALA A 250 -19.49 -4.09 -12.54
N GLN A 251 -20.23 -3.43 -11.64
CA GLN A 251 -21.57 -2.91 -11.94
C GLN A 251 -21.61 -1.38 -12.01
#